data_2ONF
#
_entry.id   2ONF
#
_cell.length_a   47.070
_cell.length_b   68.550
_cell.length_c   48.670
_cell.angle_alpha   90.000
_cell.angle_beta   98.290
_cell.angle_gamma   90.000
#
_symmetry.space_group_name_H-M   'P 1 21 1'
#
loop_
_entity.id
_entity.type
_entity.pdbx_description
1 polymer 'Hypothetical protein Ta0195'
2 non-polymer 1,2-ETHANEDIOL
3 non-polymer 'COENZYME A'
4 water water
#
_entity_poly.entity_id   1
_entity_poly.type   'polypeptide(L)'
_entity_poly.pdbx_seq_one_letter_code
;G(MSE)HVYESDVSWIDDRRTEVSVGDHRIEVDSPPEFGGPEGQLYPETLFPSVLASCLLTTFLEFKDR(MSE)GINLKS
WNSHVTAELGPSPEKGFKFHRIKIHVKIGVNDEDKEKIPRA(MSE)QLAEKYCFISRAIRNNVEEIVDYEFV
;
_entity_poly.pdbx_strand_id   A,B
#
loop_
_chem_comp.id
_chem_comp.type
_chem_comp.name
_chem_comp.formula
COA non-polymer 'COENZYME A' 'C21 H36 N7 O16 P3 S'
EDO non-polymer 1,2-ETHANEDIOL 'C2 H6 O2'
#
# COMPACT_ATOMS: atom_id res chain seq x y z
N GLY A 1 3.09 -15.15 -12.01
CA GLY A 1 1.72 -15.52 -12.41
C GLY A 1 1.40 -17.01 -12.36
N MSE A 2 0.82 -17.52 -11.25
CA MSE A 2 0.37 -16.74 -10.08
C MSE A 2 1.33 -16.86 -8.88
O MSE A 2 1.63 -17.95 -8.42
CB MSE A 2 -1.01 -17.28 -9.66
CG MSE A 2 -1.89 -16.32 -8.83
SE MSE A 2 -2.89 -14.95 -9.94
CE MSE A 2 -2.71 -15.79 -11.79
N HIS A 3 1.81 -15.73 -8.34
CA HIS A 3 2.69 -15.77 -7.16
C HIS A 3 1.96 -15.28 -5.92
N VAL A 4 2.15 -15.99 -4.80
CA VAL A 4 1.38 -15.76 -3.55
C VAL A 4 2.26 -15.11 -2.51
N TYR A 5 1.75 -14.00 -1.95
CA TYR A 5 2.46 -13.23 -0.93
C TYR A 5 1.62 -13.21 0.33
N GLU A 6 2.22 -13.55 1.45
CA GLU A 6 1.49 -13.68 2.70
C GLU A 6 2.02 -12.77 3.81
N SER A 7 1.10 -12.27 4.64
CA SER A 7 1.45 -11.52 5.82
C SER A 7 0.35 -11.66 6.88
N ASP A 8 0.62 -11.11 8.07
CA ASP A 8 -0.35 -11.13 9.15
C ASP A 8 -0.44 -9.74 9.72
N VAL A 9 -1.63 -9.36 10.17
CA VAL A 9 -1.87 -8.07 10.76
C VAL A 9 -2.81 -8.25 11.95
N SER A 10 -2.36 -7.77 13.10
CA SER A 10 -3.10 -7.92 14.37
C SER A 10 -3.41 -6.57 14.99
N TRP A 11 -4.46 -6.55 15.82
CA TRP A 11 -4.76 -5.42 16.67
C TRP A 11 -3.89 -5.43 17.94
N ILE A 12 -3.18 -4.34 18.18
CA ILE A 12 -2.41 -4.19 19.43
C ILE A 12 -3.37 -3.72 20.54
N ASP A 13 -3.82 -2.47 20.45
CA ASP A 13 -4.84 -1.88 21.32
CA ASP A 13 -4.86 -1.86 21.33
C ASP A 13 -5.24 -0.53 20.70
N ASP A 14 -6.24 0.14 21.26
CA ASP A 14 -6.60 1.47 20.79
C ASP A 14 -6.75 1.46 19.27
N ARG A 15 -6.13 2.39 18.53
CA ARG A 15 -6.22 2.38 17.07
C ARG A 15 -4.85 2.01 16.47
N ARG A 16 -4.25 0.93 17.00
CA ARG A 16 -2.88 0.50 16.68
C ARG A 16 -2.88 -0.94 16.15
N THR A 17 -2.10 -1.17 15.07
CA THR A 17 -1.98 -2.49 14.45
C THR A 17 -0.51 -2.85 14.28
N GLU A 18 -0.24 -4.14 14.26
CA GLU A 18 1.09 -4.67 13.97
C GLU A 18 1.05 -5.52 12.69
N VAL A 19 1.88 -5.15 11.73
CA VAL A 19 2.14 -5.95 10.51
C VAL A 19 3.33 -6.87 10.77
N SER A 20 3.16 -8.15 10.44
CA SER A 20 4.23 -9.17 10.50
C SER A 20 4.45 -9.74 9.12
N VAL A 21 5.67 -9.64 8.61
CA VAL A 21 6.02 -10.32 7.38
C VAL A 21 7.35 -11.01 7.66
N GLY A 22 7.36 -12.33 7.64
CA GLY A 22 8.52 -13.09 8.09
C GLY A 22 8.84 -12.67 9.52
N ASP A 23 10.09 -12.28 9.72
CA ASP A 23 10.58 -11.81 11.01
C ASP A 23 10.45 -10.31 11.20
N HIS A 24 9.97 -9.61 10.17
CA HIS A 24 9.79 -8.17 10.25
C HIS A 24 8.54 -7.83 11.03
N ARG A 25 8.64 -6.83 11.89
CA ARG A 25 7.46 -6.32 12.62
C ARG A 25 7.32 -4.81 12.39
N ILE A 26 6.12 -4.38 12.04
CA ILE A 26 5.90 -2.95 11.75
C ILE A 26 4.61 -2.48 12.41
N GLU A 27 4.68 -1.39 13.17
CA GLU A 27 3.49 -0.78 13.77
C GLU A 27 2.86 0.19 12.75
N VAL A 28 1.60 -0.04 12.44
CA VAL A 28 0.86 0.80 11.53
C VAL A 28 -0.49 1.14 12.16
N ASP A 29 -0.76 2.43 12.31
CA ASP A 29 -1.86 2.90 13.17
C ASP A 29 -2.72 3.87 12.42
N SER A 30 -3.90 4.16 12.93
CA SER A 30 -4.59 5.35 12.49
C SER A 30 -3.69 6.55 12.76
N PRO A 31 -3.82 7.59 11.94
CA PRO A 31 -3.14 8.84 12.23
C PRO A 31 -3.83 9.54 13.40
N PRO A 32 -3.18 10.56 13.94
CA PRO A 32 -3.79 11.35 14.97
C PRO A 32 -5.19 11.91 14.62
N GLU A 33 -5.44 12.35 13.37
CA GLU A 33 -6.81 12.83 13.04
C GLU A 33 -7.91 11.76 13.26
N PHE A 34 -7.53 10.47 13.32
CA PHE A 34 -8.49 9.38 13.44
C PHE A 34 -8.21 8.54 14.69
N GLY A 35 -7.57 9.16 15.67
CA GLY A 35 -7.42 8.57 17.01
C GLY A 35 -6.18 7.73 17.28
N GLY A 36 -5.16 7.86 16.41
CA GLY A 36 -3.93 7.13 16.59
C GLY A 36 -2.90 8.01 17.24
N PRO A 37 -1.76 7.40 17.60
CA PRO A 37 -0.68 8.13 18.24
C PRO A 37 0.16 8.90 17.25
N GLU A 38 0.89 9.90 17.76
CA GLU A 38 1.86 10.64 16.96
C GLU A 38 3.12 9.77 16.75
N GLY A 39 3.84 10.05 15.66
CA GLY A 39 5.18 9.51 15.45
C GLY A 39 5.28 8.08 14.97
N GLN A 40 4.20 7.59 14.36
CA GLN A 40 4.14 6.22 13.88
C GLN A 40 3.77 6.22 12.41
N LEU A 41 3.98 5.08 11.75
CA LEU A 41 3.40 4.85 10.42
C LEU A 41 1.85 4.75 10.40
N TYR A 42 1.25 5.24 9.31
CA TYR A 42 -0.18 5.25 9.09
C TYR A 42 -0.40 4.75 7.68
N PRO A 43 -1.59 4.20 7.39
CA PRO A 43 -1.89 3.82 6.01
C PRO A 43 -1.84 4.99 5.05
N GLU A 44 -2.22 6.19 5.49
CA GLU A 44 -2.10 7.42 4.70
C GLU A 44 -0.69 7.83 4.23
N THR A 45 0.35 7.41 4.95
CA THR A 45 1.70 7.64 4.49
C THR A 45 2.33 6.38 3.89
N LEU A 46 2.08 5.22 4.50
CA LEU A 46 2.71 4.00 4.03
C LEU A 46 2.22 3.57 2.66
N PHE A 47 0.92 3.67 2.40
CA PHE A 47 0.38 3.18 1.14
C PHE A 47 0.89 4.06 -0.02
N PRO A 48 0.82 5.40 0.10
CA PRO A 48 1.43 6.22 -0.98
C PRO A 48 2.93 5.95 -1.16
N SER A 49 3.65 5.72 -0.07
CA SER A 49 5.05 5.38 -0.14
C SER A 49 5.34 4.07 -0.85
N VAL A 50 4.51 3.06 -0.60
CA VAL A 50 4.66 1.76 -1.26
C VAL A 50 4.28 1.88 -2.76
N LEU A 51 3.28 2.69 -3.09
CA LEU A 51 3.04 3.04 -4.45
C LEU A 51 4.33 3.57 -5.13
N ALA A 52 4.97 4.55 -4.50
CA ALA A 52 6.22 5.14 -5.05
C ALA A 52 7.39 4.18 -5.14
N SER A 53 7.52 3.29 -4.15
CA SER A 53 8.49 2.23 -4.21
CA SER A 53 8.47 2.19 -4.21
C SER A 53 8.23 1.27 -5.40
N CYS A 54 6.96 0.93 -5.60
CA CYS A 54 6.58 0.08 -6.73
C CYS A 54 6.85 0.80 -8.10
N LEU A 55 6.56 2.09 -8.22
CA LEU A 55 6.91 2.87 -9.40
C LEU A 55 8.40 2.76 -9.70
N LEU A 56 9.23 2.89 -8.66
CA LEU A 56 10.67 2.81 -8.75
C LEU A 56 11.17 1.42 -9.10
N THR A 57 10.72 0.40 -8.39
CA THR A 57 11.10 -0.96 -8.80
C THR A 57 10.65 -1.36 -10.26
N THR A 58 9.49 -0.87 -10.73
CA THR A 58 9.09 -1.09 -12.10
C THR A 58 10.02 -0.35 -13.10
N PHE A 59 10.30 0.90 -12.81
CA PHE A 59 11.27 1.69 -13.58
C PHE A 59 12.62 0.98 -13.65
N LEU A 60 13.09 0.46 -12.51
CA LEU A 60 14.38 -0.22 -12.51
C LEU A 60 14.38 -1.42 -13.44
N GLU A 61 13.25 -2.13 -13.58
CA GLU A 61 13.13 -3.28 -14.50
CA GLU A 61 13.17 -3.27 -14.49
C GLU A 61 13.27 -2.79 -15.94
N PHE A 62 12.63 -1.68 -16.24
CA PHE A 62 12.70 -1.10 -17.59
C PHE A 62 14.01 -0.44 -17.93
N LYS A 63 14.66 0.17 -16.94
CA LYS A 63 15.95 0.85 -17.21
C LYS A 63 17.04 -0.16 -17.57
N ASP A 64 16.96 -1.33 -16.94
CA ASP A 64 17.89 -2.42 -17.25
C ASP A 64 17.56 -3.02 -18.57
N ARG A 65 16.27 -3.14 -18.86
CA ARG A 65 15.85 -3.63 -20.16
C ARG A 65 16.30 -2.76 -21.30
N MSE A 66 16.40 -1.46 -21.06
CA MSE A 66 16.64 -0.47 -22.11
C MSE A 66 18.09 0.01 -22.13
O MSE A 66 18.42 0.90 -22.87
CB MSE A 66 15.74 0.77 -21.89
CG MSE A 66 14.30 0.49 -22.18
SE MSE A 66 13.02 1.80 -21.47
CE MSE A 66 13.03 3.04 -22.87
N GLY A 67 18.93 -0.53 -21.28
CA GLY A 67 20.33 -0.06 -21.18
C GLY A 67 20.53 1.39 -20.71
N ILE A 68 19.64 1.89 -19.85
CA ILE A 68 19.79 3.21 -19.29
C ILE A 68 20.69 3.09 -18.07
N ASN A 69 21.65 3.99 -17.93
CA ASN A 69 22.50 3.96 -16.75
C ASN A 69 22.00 4.96 -15.70
N LEU A 70 21.31 4.43 -14.69
CA LEU A 70 20.72 5.24 -13.65
C LEU A 70 21.73 5.54 -12.58
N LYS A 71 21.88 6.82 -12.28
CA LYS A 71 22.85 7.34 -11.29
C LYS A 71 22.20 7.57 -9.92
N SER A 72 21.01 8.13 -9.94
CA SER A 72 20.27 8.37 -8.70
C SER A 72 18.77 8.48 -8.93
N TRP A 73 18.02 8.23 -7.88
CA TRP A 73 16.58 8.42 -7.90
C TRP A 73 16.07 8.75 -6.53
N ASN A 74 15.43 9.92 -6.43
CA ASN A 74 14.81 10.41 -5.19
C ASN A 74 13.41 10.88 -5.50
N SER A 75 12.45 10.56 -4.65
CA SER A 75 11.13 11.00 -4.92
C SER A 75 10.45 11.52 -3.69
N HIS A 76 9.65 12.55 -3.91
CA HIS A 76 8.82 13.11 -2.86
C HIS A 76 7.37 12.78 -3.17
N VAL A 77 6.65 12.26 -2.15
CA VAL A 77 5.27 11.83 -2.32
C VAL A 77 4.33 12.66 -1.46
N THR A 78 3.27 13.15 -2.09
CA THR A 78 2.24 13.91 -1.39
CA THR A 78 2.23 13.96 -1.44
C THR A 78 0.88 13.29 -1.70
N ALA A 79 0.24 12.81 -0.64
CA ALA A 79 -1.07 12.17 -0.69
C ALA A 79 -2.15 13.11 -0.06
N GLU A 80 -3.26 13.28 -0.75
CA GLU A 80 -4.30 14.19 -0.28
C GLU A 80 -5.52 13.34 -0.07
N LEU A 81 -6.03 13.32 1.16
CA LEU A 81 -7.26 12.60 1.52
C LEU A 81 -8.38 13.66 1.68
N GLY A 82 -9.59 13.33 1.27
CA GLY A 82 -10.70 14.24 1.51
C GLY A 82 -12.03 13.54 1.46
N PRO A 83 -13.13 14.29 1.68
CA PRO A 83 -14.49 13.72 1.60
C PRO A 83 -14.78 13.01 0.29
N SER A 84 -15.48 11.90 0.39
CA SER A 84 -15.94 11.17 -0.78
C SER A 84 -17.43 11.44 -1.02
N PRO A 85 -17.86 11.50 -2.28
CA PRO A 85 -19.28 11.56 -2.63
C PRO A 85 -20.07 10.32 -2.17
N GLU A 86 -19.38 9.26 -1.79
CA GLU A 86 -19.97 8.04 -1.26
C GLU A 86 -20.09 8.02 0.30
N LYS A 87 -19.91 9.22 0.87
CA LYS A 87 -19.77 9.44 2.32
C LYS A 87 -18.41 9.00 2.77
N GLY A 88 -18.01 9.41 3.97
CA GLY A 88 -16.68 9.12 4.46
C GLY A 88 -15.63 9.84 3.65
N PHE A 89 -14.46 9.22 3.52
CA PHE A 89 -13.29 9.84 2.90
C PHE A 89 -12.63 8.86 1.91
N LYS A 90 -11.82 9.45 1.04
CA LYS A 90 -11.04 8.71 0.07
C LYS A 90 -9.74 9.45 -0.20
N PHE A 91 -8.72 8.74 -0.72
CA PHE A 91 -7.60 9.41 -1.36
C PHE A 91 -8.11 10.09 -2.63
N HIS A 92 -7.90 11.41 -2.72
CA HIS A 92 -8.23 12.17 -3.93
C HIS A 92 -7.06 12.14 -4.90
N ARG A 93 -5.85 12.36 -4.42
CA ARG A 93 -4.67 12.54 -5.29
C ARG A 93 -3.43 12.06 -4.60
N ILE A 94 -2.56 11.41 -5.37
CA ILE A 94 -1.23 11.13 -4.91
C ILE A 94 -0.29 11.67 -5.97
N LYS A 95 0.63 12.51 -5.55
CA LYS A 95 1.65 13.12 -6.41
CA LYS A 95 1.64 13.08 -6.45
C LYS A 95 3.03 12.56 -6.05
N ILE A 96 3.83 12.19 -7.05
CA ILE A 96 5.18 11.68 -6.87
C ILE A 96 6.05 12.52 -7.79
N HIS A 97 6.96 13.31 -7.19
CA HIS A 97 7.92 14.08 -7.95
C HIS A 97 9.26 13.44 -7.81
N VAL A 98 9.80 13.03 -8.95
CA VAL A 98 11.09 12.33 -8.99
C VAL A 98 12.28 13.20 -9.47
N LYS A 99 13.37 13.15 -8.72
CA LYS A 99 14.60 13.77 -9.18
C LYS A 99 15.48 12.59 -9.63
N ILE A 100 15.71 12.56 -10.95
CA ILE A 100 16.39 11.47 -11.62
C ILE A 100 17.77 11.93 -12.08
N GLY A 101 18.79 11.19 -11.68
CA GLY A 101 20.13 11.35 -12.26
C GLY A 101 20.45 10.25 -13.26
N VAL A 102 20.63 10.64 -14.52
CA VAL A 102 21.05 9.76 -15.61
C VAL A 102 22.16 10.41 -16.46
N ASN A 103 22.95 9.57 -17.13
CA ASN A 103 23.81 10.03 -18.22
C ASN A 103 23.02 10.87 -19.24
N ASP A 104 23.60 11.98 -19.67
CA ASP A 104 22.96 12.84 -20.66
C ASP A 104 22.48 12.11 -21.91
N GLU A 105 23.22 11.11 -22.34
CA GLU A 105 22.87 10.35 -23.54
C GLU A 105 21.59 9.54 -23.35
N ASP A 106 21.20 9.31 -22.10
CA ASP A 106 20.02 8.49 -21.78
C ASP A 106 18.72 9.31 -21.62
N LYS A 107 18.80 10.64 -21.59
CA LYS A 107 17.68 11.48 -21.26
C LYS A 107 16.54 11.35 -22.25
N GLU A 108 16.88 11.20 -23.53
CA GLU A 108 15.82 11.06 -24.55
C GLU A 108 14.98 9.78 -24.37
N LYS A 109 15.51 8.80 -23.63
CA LYS A 109 14.80 7.51 -23.37
C LYS A 109 13.91 7.55 -22.15
N ILE A 110 14.05 8.59 -21.35
CA ILE A 110 13.36 8.63 -20.05
C ILE A 110 11.84 8.86 -20.21
N PRO A 111 11.38 9.69 -21.18
CA PRO A 111 9.93 9.77 -21.27
C PRO A 111 9.28 8.40 -21.44
N ARG A 112 9.85 7.57 -22.30
CA ARG A 112 9.28 6.23 -22.48
CA ARG A 112 9.35 6.22 -22.51
C ARG A 112 9.51 5.33 -21.28
N ALA A 113 10.70 5.35 -20.65
CA ALA A 113 10.91 4.56 -19.47
C ALA A 113 9.92 4.89 -18.33
N MSE A 114 9.67 6.18 -18.13
CA MSE A 114 8.70 6.64 -17.14
CA MSE A 114 8.69 6.63 -17.14
C MSE A 114 7.25 6.28 -17.49
O MSE A 114 6.48 5.92 -16.61
CB MSE A 114 8.83 8.15 -16.96
CB MSE A 114 8.80 8.14 -16.93
CG MSE A 114 10.11 8.56 -16.28
CG MSE A 114 9.72 8.51 -15.81
SE MSE A 114 10.31 7.90 -14.43
SE MSE A 114 9.10 7.98 -14.02
CE MSE A 114 9.01 9.03 -13.53
CE MSE A 114 9.81 9.50 -13.06
N GLN A 115 6.88 6.44 -18.75
CA GLN A 115 5.58 6.00 -19.23
C GLN A 115 5.34 4.51 -18.92
N LEU A 116 6.32 3.70 -19.31
CA LEU A 116 6.26 2.25 -19.08
C LEU A 116 6.21 1.93 -17.55
N ALA A 117 7.05 2.58 -16.76
CA ALA A 117 7.05 2.36 -15.31
C ALA A 117 5.67 2.64 -14.70
N GLU A 118 5.05 3.76 -15.10
CA GLU A 118 3.74 4.14 -14.57
C GLU A 118 2.64 3.22 -15.09
N LYS A 119 2.71 2.80 -16.36
CA LYS A 119 1.72 1.95 -16.94
C LYS A 119 1.67 0.57 -16.28
N TYR A 120 2.85 -0.01 -16.05
CA TYR A 120 3.00 -1.40 -15.61
C TYR A 120 3.10 -1.55 -14.10
N CYS A 121 3.34 -0.44 -13.38
CA CYS A 121 3.37 -0.48 -11.90
C CYS A 121 2.06 -1.13 -11.38
N PHE A 122 2.16 -2.21 -10.63
CA PHE A 122 0.94 -2.92 -10.26
CA PHE A 122 1.00 -2.97 -10.17
C PHE A 122 0.14 -2.15 -9.21
N ILE A 123 0.79 -1.33 -8.37
CA ILE A 123 -0.01 -0.53 -7.40
C ILE A 123 -0.71 0.60 -8.15
N SER A 124 -0.06 1.20 -9.15
CA SER A 124 -0.77 2.16 -10.04
C SER A 124 -1.95 1.56 -10.70
N ARG A 125 -1.76 0.38 -11.23
CA ARG A 125 -2.90 -0.34 -11.84
C ARG A 125 -4.06 -0.57 -10.83
N ALA A 126 -3.69 -0.88 -9.59
CA ALA A 126 -4.68 -1.23 -8.56
C ALA A 126 -5.60 -0.07 -8.22
N ILE A 127 -5.15 1.16 -8.40
CA ILE A 127 -5.90 2.37 -7.99
C ILE A 127 -6.49 3.16 -9.16
N ARG A 128 -6.30 2.63 -10.35
CA ARG A 128 -6.79 3.25 -11.57
CA ARG A 128 -6.84 3.25 -11.57
C ARG A 128 -8.30 3.59 -11.40
N ASN A 129 -8.70 4.81 -11.82
CA ASN A 129 -10.08 5.31 -11.78
C ASN A 129 -10.55 5.72 -10.40
N ASN A 130 -9.80 5.38 -9.36
CA ASN A 130 -10.26 5.65 -7.99
C ASN A 130 -9.50 6.74 -7.25
N VAL A 131 -8.22 6.94 -7.60
CA VAL A 131 -7.35 7.92 -7.02
C VAL A 131 -6.61 8.53 -8.21
N GLU A 132 -6.48 9.87 -8.21
CA GLU A 132 -5.70 10.56 -9.24
C GLU A 132 -4.22 10.40 -8.89
N GLU A 133 -3.45 10.00 -9.88
CA GLU A 133 -2.04 9.74 -9.76
C GLU A 133 -1.30 10.72 -10.69
N ILE A 134 -0.44 11.53 -10.09
CA ILE A 134 0.35 12.51 -10.85
C ILE A 134 1.83 12.30 -10.62
N VAL A 135 2.48 11.76 -11.64
CA VAL A 135 3.92 11.52 -11.61
C VAL A 135 4.66 12.50 -12.52
N ASP A 136 5.67 13.17 -11.99
CA ASP A 136 6.53 14.04 -12.79
CA ASP A 136 6.54 13.96 -12.84
C ASP A 136 7.96 13.94 -12.30
N TYR A 137 8.89 14.50 -13.06
CA TYR A 137 10.26 14.35 -12.80
C TYR A 137 11.12 15.49 -13.34
N GLU A 138 12.31 15.60 -12.78
CA GLU A 138 13.29 16.57 -13.27
C GLU A 138 14.62 15.86 -13.24
N PHE A 139 15.56 16.27 -14.08
CA PHE A 139 16.91 15.74 -14.03
C PHE A 139 17.83 16.46 -13.04
N VAL A 140 18.70 15.71 -12.40
CA VAL A 140 19.66 16.28 -11.48
C VAL A 140 21.03 15.65 -11.72
N GLY B 1 -8.73 22.12 1.96
CA GLY B 1 -9.09 21.43 3.20
C GLY B 1 -8.65 19.98 3.21
N MSE B 2 -8.01 19.51 2.14
CA MSE B 2 -7.41 18.16 2.10
C MSE B 2 -6.47 17.98 3.29
O MSE B 2 -5.78 18.94 3.64
CB MSE B 2 -6.56 17.97 0.82
CG MSE B 2 -7.29 18.03 -0.52
SE MSE B 2 -8.48 16.48 -0.85
CE MSE B 2 -10.24 17.35 -0.53
N HIS B 3 -6.41 16.81 3.91
CA HIS B 3 -5.28 16.57 4.80
C HIS B 3 -4.20 15.99 3.89
N VAL B 4 -2.98 16.52 4.04
CA VAL B 4 -1.87 16.20 3.16
C VAL B 4 -0.83 15.40 3.92
N TYR B 5 -0.48 14.22 3.39
CA TYR B 5 0.46 13.33 4.02
C TYR B 5 1.66 13.17 3.07
N GLU B 6 2.87 13.36 3.61
CA GLU B 6 4.09 13.38 2.81
C GLU B 6 5.09 12.32 3.20
N SER B 7 5.88 11.89 2.22
CA SER B 7 6.89 10.88 2.43
C SER B 7 7.90 10.99 1.32
N ASP B 8 8.98 10.24 1.45
CA ASP B 8 10.03 10.22 0.44
C ASP B 8 10.48 8.79 0.18
N VAL B 9 10.88 8.55 -1.06
CA VAL B 9 11.28 7.20 -1.51
C VAL B 9 12.45 7.31 -2.46
N SER B 10 13.57 6.68 -2.10
CA SER B 10 14.78 6.71 -2.92
C SER B 10 15.28 5.35 -3.31
N TRP B 11 16.14 5.34 -4.32
CA TRP B 11 16.84 4.15 -4.78
C TRP B 11 18.11 4.00 -3.95
N ILE B 12 18.27 2.84 -3.32
CA ILE B 12 19.54 2.52 -2.62
C ILE B 12 20.57 2.09 -3.65
N ASP B 13 20.31 0.95 -4.27
CA ASP B 13 21.13 0.37 -5.33
C ASP B 13 20.39 -0.90 -5.77
N ASP B 14 20.87 -1.53 -6.83
CA ASP B 14 20.32 -2.82 -7.33
C ASP B 14 18.79 -2.70 -7.42
N ARG B 15 18.03 -3.59 -6.77
CA ARG B 15 16.56 -3.53 -6.83
C ARG B 15 16.00 -3.18 -5.45
N ARG B 16 16.66 -2.23 -4.80
CA ARG B 16 16.38 -1.87 -3.42
C ARG B 16 15.95 -0.40 -3.26
N THR B 17 14.86 -0.18 -2.52
CA THR B 17 14.37 1.20 -2.27
C THR B 17 14.35 1.48 -0.77
N GLU B 18 14.40 2.78 -0.44
CA GLU B 18 14.24 3.24 0.92
C GLU B 18 13.05 4.19 1.06
N VAL B 19 12.10 3.76 1.89
CA VAL B 19 10.97 4.57 2.30
C VAL B 19 11.30 5.37 3.56
N SER B 20 11.11 6.68 3.49
CA SER B 20 11.32 7.60 4.61
CA SER B 20 11.33 7.59 4.59
C SER B 20 10.03 8.30 4.95
N VAL B 21 9.57 8.09 6.18
CA VAL B 21 8.32 8.69 6.66
C VAL B 21 8.61 9.12 8.08
N GLY B 22 8.65 10.43 8.26
CA GLY B 22 9.06 11.03 9.53
C GLY B 22 10.43 10.54 9.88
N ASP B 23 10.56 9.90 11.04
CA ASP B 23 11.82 9.36 11.50
C ASP B 23 11.97 7.86 11.24
N HIS B 24 11.02 7.28 10.52
CA HIS B 24 11.08 5.86 10.21
C HIS B 24 11.67 5.69 8.82
N ARG B 25 12.43 4.63 8.64
CA ARG B 25 13.09 4.31 7.38
C ARG B 25 12.92 2.83 7.14
N ILE B 26 12.32 2.46 6.01
CA ILE B 26 12.03 1.08 5.72
C ILE B 26 12.68 0.73 4.38
N GLU B 27 13.38 -0.40 4.31
CA GLU B 27 13.85 -0.93 3.05
C GLU B 27 12.74 -1.76 2.40
N VAL B 28 12.39 -1.40 1.18
CA VAL B 28 11.32 -2.05 0.42
C VAL B 28 11.91 -2.34 -0.94
N ASP B 29 11.95 -3.63 -1.28
CA ASP B 29 12.69 -4.09 -2.46
C ASP B 29 11.79 -4.80 -3.51
N SER B 30 12.39 -5.03 -4.69
CA SER B 30 11.79 -5.97 -5.59
C SER B 30 11.89 -7.35 -4.92
N PRO B 31 10.88 -8.20 -5.13
CA PRO B 31 10.92 -9.55 -4.68
C PRO B 31 11.77 -10.43 -5.55
N PRO B 32 12.18 -11.58 -5.01
CA PRO B 32 12.94 -12.55 -5.80
C PRO B 32 12.42 -12.87 -7.19
N GLU B 33 11.11 -12.99 -7.37
CA GLU B 33 10.57 -13.39 -8.67
C GLU B 33 10.89 -12.36 -9.76
N PHE B 34 11.18 -11.13 -9.35
CA PHE B 34 11.57 -10.08 -10.30
C PHE B 34 13.04 -9.66 -10.13
N GLY B 35 13.83 -10.50 -9.48
CA GLY B 35 15.29 -10.30 -9.39
C GLY B 35 15.80 -9.68 -8.10
N GLY B 36 14.92 -9.47 -7.14
CA GLY B 36 15.33 -8.88 -5.87
C GLY B 36 15.83 -9.88 -4.84
N PRO B 37 16.22 -9.34 -3.66
CA PRO B 37 16.73 -10.19 -2.61
C PRO B 37 15.67 -10.89 -1.80
N GLU B 38 16.06 -12.03 -1.25
CA GLU B 38 15.21 -12.75 -0.32
CA GLU B 38 15.27 -12.78 -0.28
C GLU B 38 15.28 -12.08 1.07
N GLY B 39 14.24 -12.32 1.86
CA GLY B 39 14.18 -11.85 3.23
C GLY B 39 13.92 -10.38 3.53
N GLN B 40 13.33 -9.66 2.58
CA GLN B 40 13.05 -8.26 2.74
C GLN B 40 11.57 -7.99 2.58
N LEU B 41 11.16 -6.76 2.89
CA LEU B 41 9.81 -6.28 2.60
C LEU B 41 9.79 -5.96 1.15
N TYR B 42 8.62 -6.19 0.54
CA TYR B 42 8.40 -5.96 -0.89
C TYR B 42 7.11 -5.22 -1.02
N PRO B 43 6.91 -4.47 -2.12
CA PRO B 43 5.55 -3.90 -2.31
C PRO B 43 4.44 -4.92 -2.36
N GLU B 44 4.76 -6.11 -2.88
CA GLU B 44 3.85 -7.22 -2.92
C GLU B 44 3.31 -7.74 -1.59
N THR B 45 4.06 -7.57 -0.49
CA THR B 45 3.61 -7.93 0.83
C THR B 45 3.15 -6.70 1.64
N LEU B 46 3.83 -5.60 1.42
CA LEU B 46 3.52 -4.39 2.19
CA LEU B 46 3.53 -4.39 2.20
C LEU B 46 2.20 -3.74 1.79
N PHE B 47 1.87 -3.70 0.50
CA PHE B 47 0.61 -3.11 0.10
CA PHE B 47 0.61 -3.13 0.06
C PHE B 47 -0.61 -3.91 0.61
N PRO B 48 -0.65 -5.24 0.40
CA PRO B 48 -1.77 -5.96 1.02
C PRO B 48 -1.84 -5.88 2.55
N SER B 49 -0.71 -5.81 3.23
CA SER B 49 -0.67 -5.66 4.67
C SER B 49 -1.23 -4.32 5.11
N VAL B 50 -0.88 -3.26 4.41
CA VAL B 50 -1.46 -1.93 4.71
C VAL B 50 -2.95 -1.84 4.42
N LEU B 51 -3.39 -2.52 3.38
CA LEU B 51 -4.80 -2.70 3.17
C LEU B 51 -5.47 -3.29 4.41
N ALA B 52 -4.90 -4.39 4.94
CA ALA B 52 -5.44 -5.12 6.08
C ALA B 52 -5.33 -4.28 7.37
N SER B 53 -4.26 -3.50 7.52
CA SER B 53 -4.22 -2.51 8.61
C SER B 53 -5.33 -1.46 8.53
N CYS B 54 -5.56 -0.88 7.37
CA CYS B 54 -6.62 0.12 7.16
C CYS B 54 -8.02 -0.46 7.37
N LEU B 55 -8.24 -1.71 6.96
CA LEU B 55 -9.50 -2.40 7.19
C LEU B 55 -9.78 -2.51 8.66
N LEU B 56 -8.74 -2.88 9.40
CA LEU B 56 -8.83 -3.08 10.85
C LEU B 56 -9.08 -1.74 11.56
N THR B 57 -8.28 -0.71 11.27
CA THR B 57 -8.53 0.63 11.84
C THR B 57 -9.93 1.20 11.49
N THR B 58 -10.48 0.94 10.29
CA THR B 58 -11.83 1.35 9.97
C THR B 58 -12.82 0.56 10.81
N PHE B 59 -12.59 -0.76 10.92
CA PHE B 59 -13.44 -1.58 11.77
C PHE B 59 -13.49 -1.05 13.22
N LEU B 60 -12.33 -0.67 13.73
CA LEU B 60 -12.24 -0.19 15.12
C LEU B 60 -13.17 1.01 15.37
N GLU B 61 -13.27 1.92 14.39
CA GLU B 61 -14.25 2.99 14.50
C GLU B 61 -15.66 2.45 14.68
N PHE B 62 -16.07 1.54 13.80
CA PHE B 62 -17.40 0.97 13.90
C PHE B 62 -17.63 0.14 15.16
N LYS B 63 -16.58 -0.52 15.61
CA LYS B 63 -16.58 -1.32 16.86
C LYS B 63 -16.94 -0.39 18.06
N ASP B 64 -16.24 0.75 18.17
CA ASP B 64 -16.61 1.74 19.20
C ASP B 64 -17.99 2.29 18.97
N ARG B 65 -18.34 2.62 17.74
CA ARG B 65 -19.65 3.21 17.52
C ARG B 65 -20.80 2.27 17.87
N MSE B 66 -20.61 0.97 17.64
CA MSE B 66 -21.67 -0.02 17.85
C MSE B 66 -21.61 -0.71 19.19
O MSE B 66 -22.40 -1.63 19.49
CB MSE B 66 -21.61 -1.03 16.70
CG MSE B 66 -21.97 -0.46 15.39
SE MSE B 66 -21.74 -1.82 13.92
CE MSE B 66 -23.48 -2.67 14.01
N GLY B 67 -20.70 -0.27 20.05
CA GLY B 67 -20.59 -0.85 21.39
C GLY B 67 -20.17 -2.31 21.42
N ILE B 68 -19.29 -2.69 20.52
CA ILE B 68 -18.77 -4.07 20.43
C ILE B 68 -17.59 -4.12 21.39
N ASN B 69 -17.58 -5.13 22.25
CA ASN B 69 -16.44 -5.39 23.12
CA ASN B 69 -16.41 -5.37 23.10
C ASN B 69 -15.44 -6.31 22.39
N LEU B 70 -14.51 -5.71 21.66
CA LEU B 70 -13.50 -6.47 20.94
C LEU B 70 -12.43 -6.94 21.87
N LYS B 71 -12.16 -8.26 21.86
CA LYS B 71 -11.12 -8.88 22.68
C LYS B 71 -9.83 -9.12 21.91
N SER B 72 -9.93 -9.49 20.63
CA SER B 72 -8.72 -9.72 19.83
C SER B 72 -9.07 -9.66 18.36
N TRP B 73 -8.08 -9.39 17.53
CA TRP B 73 -8.24 -9.43 16.08
C TRP B 73 -6.90 -9.77 15.48
N ASN B 74 -6.85 -10.90 14.80
CA ASN B 74 -5.71 -11.35 14.08
C ASN B 74 -6.16 -11.69 12.68
N SER B 75 -5.38 -11.24 11.70
CA SER B 75 -5.78 -11.47 10.31
C SER B 75 -4.60 -12.01 9.52
N HIS B 76 -4.92 -12.95 8.65
CA HIS B 76 -3.95 -13.50 7.69
C HIS B 76 -4.27 -12.96 6.29
N VAL B 77 -3.25 -12.43 5.64
CA VAL B 77 -3.38 -11.81 4.34
C VAL B 77 -2.75 -12.68 3.27
N THR B 78 -3.49 -12.96 2.20
CA THR B 78 -3.00 -13.77 1.05
C THR B 78 -3.24 -12.99 -0.22
N ALA B 79 -2.15 -12.50 -0.84
CA ALA B 79 -2.23 -11.69 -2.09
C ALA B 79 -1.67 -12.51 -3.27
N GLU B 80 -2.38 -12.47 -4.39
CA GLU B 80 -2.05 -13.22 -5.60
C GLU B 80 -1.72 -12.21 -6.68
N LEU B 81 -0.46 -12.23 -7.13
CA LEU B 81 0.00 -11.44 -8.26
C LEU B 81 0.08 -12.30 -9.48
N GLY B 82 -0.54 -11.88 -10.58
CA GLY B 82 -0.50 -12.68 -11.82
C GLY B 82 -0.56 -11.87 -13.07
N PRO B 83 -0.54 -12.54 -14.24
CA PRO B 83 -0.58 -11.81 -15.52
C PRO B 83 -1.82 -10.94 -15.73
N SER B 84 -1.60 -9.76 -16.30
CA SER B 84 -2.68 -8.87 -16.73
C SER B 84 -2.90 -9.05 -18.20
N PRO B 85 -4.15 -8.88 -18.67
CA PRO B 85 -4.40 -8.89 -20.09
C PRO B 85 -3.88 -7.63 -20.78
N GLU B 86 -3.41 -6.65 -20.00
CA GLU B 86 -2.74 -5.45 -20.51
C GLU B 86 -1.23 -5.67 -20.59
N LYS B 87 -0.83 -6.93 -20.50
CA LYS B 87 0.56 -7.33 -20.34
C LYS B 87 1.09 -6.95 -18.96
N GLY B 88 2.26 -7.47 -18.63
CA GLY B 88 2.76 -7.33 -17.29
C GLY B 88 1.83 -8.07 -16.29
N PHE B 89 1.85 -7.52 -15.07
CA PHE B 89 1.19 -8.12 -13.92
C PHE B 89 0.21 -7.20 -13.21
N LYS B 90 -0.63 -7.82 -12.41
CA LYS B 90 -1.52 -7.11 -11.52
CA LYS B 90 -1.58 -7.13 -11.55
C LYS B 90 -1.84 -8.00 -10.31
N PHE B 91 -2.31 -7.38 -9.23
CA PHE B 91 -2.89 -8.20 -8.18
C PHE B 91 -4.23 -8.70 -8.67
N HIS B 92 -4.39 -10.01 -8.61
CA HIS B 92 -5.62 -10.65 -9.00
C HIS B 92 -6.63 -10.59 -7.86
N ARG B 93 -6.17 -11.04 -6.70
CA ARG B 93 -7.01 -11.22 -5.55
C ARG B 93 -6.17 -10.89 -4.31
N ILE B 94 -6.81 -10.26 -3.34
CA ILE B 94 -6.21 -10.18 -1.97
C ILE B 94 -7.25 -10.72 -1.01
N LYS B 95 -6.89 -11.76 -0.26
CA LYS B 95 -7.78 -12.38 0.70
CA LYS B 95 -7.80 -12.36 0.70
C LYS B 95 -7.34 -11.97 2.11
N ILE B 96 -8.30 -11.56 2.96
CA ILE B 96 -7.96 -11.22 4.34
C ILE B 96 -8.88 -12.07 5.22
N HIS B 97 -8.29 -12.99 5.99
CA HIS B 97 -9.04 -13.88 6.85
C HIS B 97 -8.83 -13.47 8.31
N VAL B 98 -9.91 -13.06 8.96
CA VAL B 98 -9.82 -12.49 10.28
C VAL B 98 -10.35 -13.48 11.34
N LYS B 99 -9.56 -13.66 12.38
CA LYS B 99 -10.02 -14.34 13.59
C LYS B 99 -10.33 -13.27 14.66
N ILE B 100 -11.61 -13.18 14.96
CA ILE B 100 -12.18 -12.13 15.82
C ILE B 100 -12.61 -12.74 17.15
N GLY B 101 -12.13 -12.18 18.24
CA GLY B 101 -12.64 -12.49 19.59
C GLY B 101 -13.52 -11.36 20.11
N VAL B 102 -14.80 -11.64 20.30
CA VAL B 102 -15.75 -10.65 20.80
C VAL B 102 -16.60 -11.33 21.86
N ASN B 103 -17.28 -10.56 22.69
CA ASN B 103 -18.39 -11.11 23.50
C ASN B 103 -19.51 -11.74 22.65
N ASP B 104 -20.08 -12.85 23.12
CA ASP B 104 -21.17 -13.48 22.40
C ASP B 104 -22.32 -12.55 22.06
N GLU B 105 -22.63 -11.62 22.98
CA GLU B 105 -23.74 -10.70 22.75
C GLU B 105 -23.49 -9.72 21.60
N ASP B 106 -22.23 -9.59 21.19
CA ASP B 106 -21.85 -8.66 20.12
C ASP B 106 -21.77 -9.33 18.72
N LYS B 107 -21.85 -10.65 18.67
CA LYS B 107 -21.65 -11.38 17.41
C LYS B 107 -22.66 -10.97 16.31
N GLU B 108 -23.89 -10.74 16.73
CA GLU B 108 -24.96 -10.31 15.81
CA GLU B 108 -24.98 -10.31 15.84
C GLU B 108 -24.65 -8.99 15.11
N LYS B 109 -23.81 -8.16 15.71
CA LYS B 109 -23.45 -6.86 15.10
C LYS B 109 -22.29 -6.93 14.09
N ILE B 110 -21.60 -8.04 14.05
CA ILE B 110 -20.37 -8.17 13.29
C ILE B 110 -20.56 -8.15 11.79
N PRO B 111 -21.59 -8.83 11.25
CA PRO B 111 -21.79 -8.74 9.78
C PRO B 111 -21.88 -7.30 9.27
N ARG B 112 -22.69 -6.50 9.96
CA ARG B 112 -22.80 -5.07 9.63
C ARG B 112 -21.51 -4.29 9.79
N ALA B 113 -20.87 -4.50 10.93
CA ALA B 113 -19.60 -3.85 11.23
C ALA B 113 -18.52 -4.16 10.21
N MSE B 114 -18.44 -5.43 9.82
CA MSE B 114 -17.47 -5.84 8.83
CA MSE B 114 -17.46 -5.84 8.82
C MSE B 114 -17.78 -5.27 7.44
O MSE B 114 -16.87 -4.91 6.69
CB MSE B 114 -17.42 -7.38 8.79
CB MSE B 114 -17.34 -7.37 8.74
CG MSE B 114 -16.81 -7.98 10.03
CG MSE B 114 -16.18 -8.00 9.51
SE MSE B 114 -14.90 -7.54 10.22
SE MSE B 114 -14.32 -7.51 9.02
CE MSE B 114 -14.24 -8.56 8.69
CE MSE B 114 -13.44 -9.04 9.83
N GLN B 115 -19.03 -5.29 7.05
CA GLN B 115 -19.40 -4.76 5.77
C GLN B 115 -19.06 -3.26 5.72
N LEU B 116 -19.40 -2.56 6.80
CA LEU B 116 -19.14 -1.11 6.90
C LEU B 116 -17.64 -0.82 6.83
N ALA B 117 -16.88 -1.55 7.59
CA ALA B 117 -15.42 -1.41 7.62
C ALA B 117 -14.82 -1.50 6.23
N GLU B 118 -15.22 -2.50 5.48
CA GLU B 118 -14.69 -2.71 4.14
C GLU B 118 -15.21 -1.59 3.20
N LYS B 119 -16.47 -1.21 3.36
CA LYS B 119 -17.04 -0.17 2.50
C LYS B 119 -16.32 1.17 2.64
N TYR B 120 -15.98 1.52 3.89
CA TYR B 120 -15.45 2.85 4.22
C TYR B 120 -13.93 2.90 4.38
N CYS B 121 -13.26 1.74 4.22
CA CYS B 121 -11.81 1.63 4.25
C CYS B 121 -11.16 2.38 3.06
N PHE B 122 -10.26 3.31 3.36
CA PHE B 122 -9.70 4.17 2.34
C PHE B 122 -8.92 3.34 1.27
N ILE B 123 -8.22 2.31 1.68
CA ILE B 123 -7.44 1.52 0.75
C ILE B 123 -8.38 0.58 -0.06
N SER B 124 -9.40 0.01 0.60
CA SER B 124 -10.39 -0.75 -0.13
C SER B 124 -11.01 0.06 -1.24
N ARG B 125 -11.38 1.29 -0.91
CA ARG B 125 -11.95 2.20 -1.89
C ARG B 125 -10.95 2.46 -3.01
N ALA B 126 -9.69 2.64 -2.66
CA ALA B 126 -8.65 2.92 -3.67
C ALA B 126 -8.55 1.80 -4.72
N ILE B 127 -8.81 0.54 -4.35
CA ILE B 127 -8.54 -0.59 -5.28
C ILE B 127 -9.83 -1.19 -5.84
N ARG B 128 -10.95 -0.56 -5.45
CA ARG B 128 -12.23 -1.05 -5.91
C ARG B 128 -12.29 -1.27 -7.44
N ASN B 129 -12.85 -2.42 -7.82
CA ASN B 129 -13.03 -2.85 -9.22
C ASN B 129 -11.76 -3.29 -9.94
N ASN B 130 -10.58 -3.07 -9.36
CA ASN B 130 -9.32 -3.40 -10.02
C ASN B 130 -8.63 -4.65 -9.46
N VAL B 131 -8.98 -5.00 -8.22
CA VAL B 131 -8.42 -6.13 -7.48
C VAL B 131 -9.58 -6.77 -6.74
N GLU B 132 -9.72 -8.10 -6.82
CA GLU B 132 -10.73 -8.81 -6.03
C GLU B 132 -10.33 -8.79 -4.56
N GLU B 133 -11.21 -8.33 -3.67
CA GLU B 133 -10.91 -8.20 -2.25
C GLU B 133 -11.89 -9.10 -1.50
N ILE B 134 -11.39 -10.14 -0.85
CA ILE B 134 -12.23 -11.14 -0.18
C ILE B 134 -11.93 -11.10 1.31
N VAL B 135 -12.86 -10.57 2.07
CA VAL B 135 -12.67 -10.41 3.51
C VAL B 135 -13.63 -11.39 4.13
N ASP B 136 -13.16 -12.31 4.95
CA ASP B 136 -14.04 -13.17 5.68
C ASP B 136 -13.48 -13.35 7.09
N TYR B 137 -14.22 -14.02 7.98
CA TYR B 137 -13.82 -14.10 9.38
C TYR B 137 -14.39 -15.30 10.09
N GLU B 138 -13.82 -15.60 11.24
CA GLU B 138 -14.35 -16.65 12.12
C GLU B 138 -14.19 -16.14 13.54
N PHE B 139 -15.06 -16.59 14.44
CA PHE B 139 -14.97 -16.23 15.85
C PHE B 139 -14.12 -17.20 16.54
N VAL B 140 -13.24 -16.66 17.37
CA VAL B 140 -12.43 -17.43 18.28
C VAL B 140 -12.82 -17.06 19.71
C1 EDO C . 12.88 5.86 -26.01
O1 EDO C . 11.88 6.50 -26.84
C2 EDO C . 13.25 4.44 -26.45
O2 EDO C . 12.14 3.76 -27.04
C1 EDO D . -6.13 -4.86 23.00
C1 EDO D . -5.88 -6.37 22.75
O1 EDO D . -7.06 -4.66 24.09
O1 EDO D . -6.74 -6.04 23.85
C2 EDO D . -5.30 -6.11 23.25
C2 EDO D . -5.85 -7.90 22.50
O2 EDO D . -5.51 -7.10 22.23
O2 EDO D . -4.52 -8.45 22.53
C1 EDO E . 5.83 -5.70 -20.68
O1 EDO E . 6.38 -4.89 -21.72
C2 EDO E . 6.86 -6.00 -19.58
O2 EDO E . 6.39 -5.74 -18.23
N1A COA F . -24.12 1.91 14.16
C2A COA F . -24.45 1.35 12.95
N3A COA F . -24.16 1.92 11.76
C4A COA F . -23.49 3.14 11.78
C5A COA F . -23.13 3.74 12.99
C6A COA F . -23.45 3.08 14.20
N6A COA F . -23.35 3.67 15.37
N7A COA F . -22.49 4.92 12.70
C8A COA F . -22.47 5.09 11.36
N9A COA F . -23.07 3.98 10.78
C1B COA F . -23.26 3.74 9.39
C2B COA F . -24.32 4.64 8.80
O2B COA F . -25.68 4.25 8.91
C3B COA F . -23.88 4.61 7.35
O3B COA F . -24.42 3.47 6.68
P3B COA F . -24.59 3.31 5.10
O7A COA F . -25.22 1.95 4.89
O8A COA F . -25.45 4.48 4.55
O9A COA F . -23.23 3.31 4.47
C4B COA F . -22.37 4.54 7.44
O4B COA F . -22.05 4.06 8.74
C5B COA F . -21.66 5.91 7.28
O5B COA F . -22.09 6.77 8.32
P1A COA F . -22.71 8.24 7.93
O1A COA F . -22.87 8.96 9.23
O2A COA F . -23.83 8.01 6.95
O3A COA F . -21.55 8.93 7.04
P2A COA F . -20.24 9.75 7.47
O4A COA F . -20.45 10.57 8.70
O5A COA F . -19.84 10.47 6.18
O6A COA F . -19.15 8.57 7.71
CBP COA F . -17.46 7.36 8.95
CCP COA F . -18.84 8.03 9.01
CDP COA F . -17.50 6.43 7.74
CEP COA F . -17.25 6.55 10.22
CAP COA F . -16.44 8.48 8.76
OAP COA F . -16.51 9.45 9.80
C9P COA F . -15.02 7.96 8.67
O9P COA F . -14.63 7.29 7.54
N8P COA F . -14.15 8.13 9.67
C7P COA F . -12.84 7.55 9.66
C6P COA F . -12.85 6.15 10.31
C5P COA F . -11.43 5.69 10.58
O5P COA F . -10.92 5.94 11.64
N4P COA F . -10.82 5.02 9.63
C3P COA F . -9.44 4.62 9.75
C2P COA F . -8.49 5.67 9.20
S1P COA F . -6.79 5.00 9.08
C1 EDO G . 23.58 4.80 -5.88
O1 EDO G . 22.68 5.92 -5.95
C2 EDO G . 22.99 3.56 -6.54
O2 EDO G . 23.88 2.92 -7.49
#